data_4FPV
#
_entry.id   4FPV
#
_cell.length_a   58.070
_cell.length_b   95.021
_cell.length_c   104.506
_cell.angle_alpha   90.00
_cell.angle_beta   90.00
_cell.angle_gamma   90.00
#
_symmetry.space_group_name_H-M   'P 21 21 21'
#
loop_
_entity.id
_entity.type
_entity.pdbx_description
1 polymer 'Tyrosyl-DNA phosphodiesterase 2'
2 polymer "DNA (5'-D(P*TP*GP*CP*AP*G)-3')"
3 non-polymer 'SODIUM ION'
4 non-polymer GLYCEROL
5 non-polymer 'MAGNESIUM ION'
6 water water
#
loop_
_entity_poly.entity_id
_entity_poly.type
_entity_poly.pdbx_seq_one_letter_code
_entity_poly.pdbx_strand_id
1 'polypeptide(L)'
;TAKSEVEDSKLSIISWNVDGLDTLNLADRARGLCSYLALYTPDVVFLQELIPAYVQYLKKRAVSYLFFEGSDDGYFTGIM
LRKSRVKFLESEIICFPTTQMMRNLLIAQVTFSGQKLYLMTSHLESCKNQSQERTKQLRVVLQKIKEAPEDAIVIFAGDT
NLRDAEVANVGGLPAGVCDVWEQLGKQEHCRYTWDTKANSNKTVPYVSRCRFDRIFLRSAKTAPPVTPDHMALIGMEKLD
CGRYTSDHWGIYCTFNT
;
A,B
2 'polydeoxyribonucleotide' (DT)(DG)(DC)(DA)(DG) C
#
loop_
_chem_comp.id
_chem_comp.type
_chem_comp.name
_chem_comp.formula
DA DNA linking 2'-DEOXYADENOSINE-5'-MONOPHOSPHATE 'C10 H14 N5 O6 P'
DC DNA linking 2'-DEOXYCYTIDINE-5'-MONOPHOSPHATE 'C9 H14 N3 O7 P'
DG DNA linking 2'-DEOXYGUANOSINE-5'-MONOPHOSPHATE 'C10 H14 N5 O7 P'
DT DNA linking THYMIDINE-5'-MONOPHOSPHATE 'C10 H15 N2 O8 P'
GOL non-polymer GLYCEROL 'C3 H8 O3'
MG non-polymer 'MAGNESIUM ION' 'Mg 2'
NA non-polymer 'SODIUM ION' 'Na 1'
#
# COMPACT_ATOMS: atom_id res chain seq x y z
N ASP A 8 35.92 9.09 7.65
CA ASP A 8 34.90 9.50 6.69
C ASP A 8 33.56 9.72 7.35
N SER A 9 33.08 10.96 7.29
CA SER A 9 31.85 11.39 7.95
C SER A 9 30.57 10.62 7.56
N LYS A 10 30.63 9.85 6.48
CA LYS A 10 29.42 9.17 6.00
C LYS A 10 29.16 7.88 6.74
N LEU A 11 27.92 7.73 7.17
CA LEU A 11 27.58 6.49 7.88
C LEU A 11 27.30 5.41 6.84
N SER A 12 27.76 4.19 7.07
CA SER A 12 27.50 3.09 6.14
C SER A 12 26.87 1.90 6.83
N ILE A 13 25.96 1.22 6.14
CA ILE A 13 25.31 0.03 6.70
C ILE A 13 25.23 -1.09 5.69
N ILE A 14 25.14 -2.32 6.19
CA ILE A 14 24.74 -3.44 5.34
C ILE A 14 23.53 -4.10 5.99
N SER A 15 22.54 -4.50 5.20
CA SER A 15 21.44 -5.30 5.74
C SER A 15 21.34 -6.57 4.91
N TRP A 16 21.20 -7.72 5.56
CA TRP A 16 21.20 -8.98 4.79
C TRP A 16 20.51 -10.11 5.54
N ASN A 17 19.55 -10.76 4.86
CA ASN A 17 19.00 -12.00 5.38
C ASN A 17 19.96 -13.09 4.91
N VAL A 18 20.61 -13.77 5.86
CA VAL A 18 21.69 -14.69 5.52
C VAL A 18 21.21 -16.10 5.22
N ASP A 19 19.90 -16.33 5.34
CA ASP A 19 19.33 -17.65 5.04
C ASP A 19 20.00 -18.76 5.85
N GLY A 20 20.02 -18.58 7.17
CA GLY A 20 20.60 -19.59 8.05
C GLY A 20 19.78 -20.87 8.11
N LEU A 21 18.55 -20.83 7.61
CA LEU A 21 17.72 -22.04 7.57
C LEU A 21 18.13 -22.98 6.43
N ASP A 22 18.85 -22.43 5.45
CA ASP A 22 19.50 -23.25 4.42
C ASP A 22 20.86 -23.70 4.95
N THR A 23 20.98 -25.00 5.25
CA THR A 23 22.23 -25.45 5.84
C THR A 23 23.26 -25.94 4.81
N LEU A 24 22.89 -25.95 3.53
CA LEU A 24 23.84 -26.37 2.49
C LEU A 24 24.96 -25.33 2.34
N ASN A 25 26.20 -25.76 2.55
CA ASN A 25 27.36 -24.87 2.45
C ASN A 25 27.31 -23.66 3.40
N LEU A 26 26.70 -23.82 4.56
CA LEU A 26 26.55 -22.69 5.47
C LEU A 26 27.88 -22.07 5.91
N ALA A 27 28.88 -22.89 6.23
CA ALA A 27 30.17 -22.35 6.66
C ALA A 27 30.83 -21.50 5.57
N ASP A 28 30.79 -22.00 4.34
CA ASP A 28 31.38 -21.28 3.21
C ASP A 28 30.64 -19.98 2.95
N ARG A 29 29.32 -20.02 3.13
CA ARG A 29 28.48 -18.84 2.93
C ARG A 29 28.72 -17.78 4.02
N ALA A 30 28.91 -18.21 5.26
CA ALA A 30 29.26 -17.28 6.33
C ALA A 30 30.64 -16.66 6.03
N ARG A 31 31.55 -17.48 5.48
CA ARG A 31 32.84 -16.94 5.01
C ARG A 31 32.64 -15.88 3.94
N GLY A 32 31.71 -16.13 3.02
CA GLY A 32 31.39 -15.13 2.00
C GLY A 32 30.93 -13.81 2.62
N LEU A 33 30.02 -13.93 3.59
CA LEU A 33 29.51 -12.73 4.24
C LEU A 33 30.67 -11.98 4.89
N CYS A 34 31.56 -12.72 5.57
CA CYS A 34 32.70 -12.08 6.21
C CYS A 34 33.60 -11.36 5.22
N SER A 35 33.77 -11.93 4.03
N SER A 35 33.77 -11.94 4.05
CA SER A 35 34.53 -11.26 2.98
CA SER A 35 34.53 -11.27 2.99
C SER A 35 33.89 -9.91 2.61
C SER A 35 33.89 -9.92 2.65
N TYR A 36 32.57 -9.92 2.48
CA TYR A 36 31.86 -8.65 2.22
C TYR A 36 32.06 -7.65 3.35
N LEU A 37 31.99 -8.12 4.60
CA LEU A 37 32.19 -7.19 5.73
C LEU A 37 33.60 -6.62 5.74
N ALA A 38 34.58 -7.44 5.38
CA ALA A 38 35.98 -7.00 5.36
C ALA A 38 36.18 -5.98 4.26
N LEU A 39 35.46 -6.14 3.16
CA LEU A 39 35.60 -5.16 2.06
C LEU A 39 34.87 -3.84 2.32
N TYR A 40 33.62 -3.95 2.74
CA TYR A 40 32.77 -2.76 2.85
C TYR A 40 32.91 -2.04 4.20
N THR A 41 33.48 -2.74 5.18
CA THR A 41 33.62 -2.21 6.55
C THR A 41 32.47 -1.32 7.00
N PRO A 42 31.24 -1.84 6.94
CA PRO A 42 30.10 -1.00 7.32
C PRO A 42 30.13 -0.62 8.78
N ASP A 43 29.59 0.55 9.12
CA ASP A 43 29.48 0.95 10.51
C ASP A 43 28.45 0.11 11.27
N VAL A 44 27.40 -0.30 10.58
CA VAL A 44 26.32 -1.07 11.19
C VAL A 44 25.95 -2.21 10.24
N VAL A 45 25.78 -3.41 10.78
CA VAL A 45 25.26 -4.53 10.00
C VAL A 45 23.93 -4.99 10.61
N PHE A 46 22.89 -5.09 9.80
CA PHE A 46 21.59 -5.60 10.24
C PHE A 46 21.41 -6.97 9.58
N LEU A 47 21.28 -8.03 10.36
CA LEU A 47 21.22 -9.38 9.80
C LEU A 47 19.92 -10.06 10.17
N GLN A 48 19.39 -10.89 9.27
CA GLN A 48 18.20 -11.67 9.62
C GLN A 48 18.44 -13.14 9.32
N GLU A 49 17.70 -13.99 10.02
CA GLU A 49 17.78 -15.44 9.85
C GLU A 49 19.16 -15.98 10.16
N LEU A 50 19.80 -15.39 11.16
CA LEU A 50 20.96 -16.01 11.80
C LEU A 50 20.52 -17.27 12.52
N ILE A 51 21.42 -18.24 12.61
CA ILE A 51 21.22 -19.38 13.53
C ILE A 51 22.47 -19.43 14.41
N PRO A 52 22.39 -20.15 15.55
CA PRO A 52 23.56 -20.12 16.45
C PRO A 52 24.90 -20.49 15.82
N ALA A 53 24.94 -21.51 14.97
CA ALA A 53 26.20 -21.90 14.34
C ALA A 53 26.81 -20.75 13.52
N TYR A 54 25.93 -20.07 12.78
CA TYR A 54 26.36 -19.01 11.90
C TYR A 54 26.93 -17.86 12.73
N VAL A 55 26.19 -17.44 13.74
CA VAL A 55 26.63 -16.30 14.52
C VAL A 55 27.90 -16.67 15.30
N GLN A 56 28.02 -17.93 15.71
CA GLN A 56 29.22 -18.43 16.39
C GLN A 56 30.41 -18.13 15.48
N TYR A 57 30.28 -18.57 14.22
CA TYR A 57 31.31 -18.26 13.23
C TYR A 57 31.63 -16.75 13.09
N LEU A 58 30.59 -15.95 12.89
CA LEU A 58 30.81 -14.51 12.68
C LEU A 58 31.53 -13.85 13.84
N LYS A 59 31.13 -14.22 15.05
CA LYS A 59 31.71 -13.64 16.27
C LYS A 59 33.18 -14.07 16.38
N LYS A 60 33.46 -15.29 15.94
CA LYS A 60 34.87 -15.73 15.86
C LYS A 60 35.68 -14.84 14.90
N ARG A 61 35.09 -14.52 13.76
CA ARG A 61 35.82 -13.81 12.69
C ARG A 61 35.77 -12.27 12.72
N ALA A 62 34.58 -11.70 12.89
CA ALA A 62 34.41 -10.26 12.80
C ALA A 62 34.66 -9.59 14.14
N VAL A 63 35.90 -9.64 14.61
CA VAL A 63 36.19 -9.13 15.95
C VAL A 63 36.10 -7.60 16.06
N SER A 64 36.08 -6.92 14.92
CA SER A 64 35.89 -5.46 14.91
C SER A 64 34.48 -5.03 15.32
N TYR A 65 33.57 -6.00 15.48
CA TYR A 65 32.16 -5.66 15.74
C TYR A 65 31.65 -6.11 17.09
N LEU A 66 30.75 -5.30 17.65
CA LEU A 66 29.97 -5.64 18.83
C LEU A 66 28.64 -6.21 18.37
N PHE A 67 28.28 -7.41 18.86
CA PHE A 67 27.06 -8.10 18.41
C PHE A 67 25.88 -8.00 19.36
N PHE A 68 24.69 -7.80 18.81
CA PHE A 68 23.44 -7.95 19.56
C PHE A 68 22.55 -8.93 18.83
N GLU A 69 21.98 -9.89 19.56
CA GLU A 69 21.17 -10.95 18.94
C GLU A 69 19.71 -10.89 19.39
N GLY A 70 18.80 -11.19 18.46
CA GLY A 70 17.36 -11.06 18.71
C GLY A 70 16.73 -12.24 19.45
N SER A 71 17.48 -13.33 19.58
CA SER A 71 17.03 -14.49 20.39
C SER A 71 18.26 -15.32 20.75
N ASP A 72 18.07 -16.41 21.47
CA ASP A 72 19.23 -17.26 21.79
C ASP A 72 19.20 -18.65 21.14
N ASP A 73 18.12 -18.97 20.42
CA ASP A 73 18.06 -20.23 19.67
C ASP A 73 17.05 -20.07 18.52
N GLY A 74 16.89 -21.12 17.72
CA GLY A 74 16.00 -21.04 16.56
C GLY A 74 16.70 -20.22 15.47
N TYR A 75 15.97 -19.29 14.86
CA TYR A 75 16.64 -18.34 13.98
C TYR A 75 16.23 -16.95 14.41
N PHE A 76 17.08 -15.97 14.18
CA PHE A 76 16.83 -14.65 14.76
C PHE A 76 17.64 -13.58 14.05
N THR A 77 17.41 -12.34 14.44
CA THR A 77 18.10 -11.23 13.82
C THR A 77 19.33 -10.83 14.62
N GLY A 78 20.11 -9.91 14.07
CA GLY A 78 21.26 -9.38 14.80
C GLY A 78 21.59 -7.97 14.35
N ILE A 79 22.22 -7.20 15.23
CA ILE A 79 22.84 -5.93 14.86
C ILE A 79 24.32 -5.98 15.26
N MET A 80 25.20 -5.67 14.30
CA MET A 80 26.63 -5.56 14.55
C MET A 80 27.06 -4.12 14.48
N LEU A 81 27.85 -3.67 15.45
CA LEU A 81 28.28 -2.27 15.51
C LEU A 81 29.80 -2.19 15.42
N ARG A 82 30.31 -1.38 14.49
CA ARG A 82 31.77 -1.23 14.38
C ARG A 82 32.30 -0.42 15.55
N LYS A 83 33.07 -1.08 16.42
CA LYS A 83 33.44 -0.51 17.72
C LYS A 83 34.28 0.75 17.58
N SER A 84 35.05 0.85 16.50
CA SER A 84 35.92 2.01 16.28
C SER A 84 35.15 3.25 15.80
N ARG A 85 33.91 3.06 15.36
CA ARG A 85 33.12 4.15 14.77
C ARG A 85 31.87 4.53 15.54
N VAL A 86 31.36 3.59 16.34
CA VAL A 86 30.05 3.74 16.96
C VAL A 86 30.17 3.47 18.45
N LYS A 87 29.53 4.29 19.27
CA LYS A 87 29.54 4.08 20.73
C LYS A 87 28.15 3.60 21.14
N PHE A 88 28.10 2.48 21.86
CA PHE A 88 26.81 1.87 22.22
C PHE A 88 26.20 2.57 23.43
N LEU A 89 24.90 2.82 23.38
CA LEU A 89 24.19 3.41 24.51
C LEU A 89 23.30 2.39 25.19
N GLU A 90 22.37 1.81 24.43
CA GLU A 90 21.46 0.82 25.04
C GLU A 90 20.73 0.01 23.98
N SER A 91 20.21 -1.17 24.34
CA SER A 91 19.47 -1.96 23.37
C SER A 91 18.19 -2.48 23.99
N GLU A 92 17.26 -2.91 23.16
CA GLU A 92 16.05 -3.54 23.67
C GLU A 92 15.39 -4.34 22.56
N ILE A 93 14.52 -5.26 22.97
CA ILE A 93 13.72 -6.04 22.04
C ILE A 93 12.24 -5.79 22.28
N ILE A 94 11.52 -5.40 21.24
CA ILE A 94 10.08 -5.21 21.31
C ILE A 94 9.45 -6.48 20.75
N CYS A 95 8.55 -7.10 21.50
CA CYS A 95 7.93 -8.32 21.04
C CYS A 95 6.75 -8.04 20.13
N PHE A 96 6.47 -8.98 19.23
CA PHE A 96 5.29 -8.93 18.35
C PHE A 96 4.33 -9.95 18.92
N PRO A 97 3.32 -9.49 19.69
CA PRO A 97 2.47 -10.39 20.48
C PRO A 97 1.80 -11.51 19.66
N THR A 98 1.46 -11.27 18.39
CA THR A 98 0.78 -12.30 17.60
C THR A 98 1.65 -12.97 16.51
N THR A 99 2.97 -12.84 16.59
CA THR A 99 3.79 -13.56 15.63
C THR A 99 3.67 -15.08 15.84
N GLN A 100 3.72 -15.83 14.74
CA GLN A 100 3.78 -17.29 14.84
C GLN A 100 5.18 -17.79 14.46
N MET A 101 6.10 -16.86 14.23
CA MET A 101 7.43 -17.21 13.75
C MET A 101 8.54 -16.56 14.59
N MET A 102 8.21 -16.25 15.84
CA MET A 102 9.18 -15.69 16.80
C MET A 102 9.83 -14.39 16.32
N ARG A 103 9.10 -13.63 15.50
CA ARG A 103 9.65 -12.39 14.97
C ARG A 103 9.54 -11.31 16.02
N ASN A 104 10.43 -10.33 15.94
CA ASN A 104 10.46 -9.25 16.92
C ASN A 104 11.17 -8.03 16.35
N LEU A 105 11.32 -7.00 17.17
CA LEU A 105 11.96 -5.77 16.71
C LEU A 105 13.16 -5.51 17.61
N LEU A 106 14.35 -5.57 17.03
CA LEU A 106 15.59 -5.42 17.80
C LEU A 106 16.11 -4.01 17.59
N ILE A 107 16.37 -3.30 18.68
CA ILE A 107 16.73 -1.89 18.63
C ILE A 107 18.03 -1.65 19.40
N ALA A 108 18.97 -0.93 18.78
CA ALA A 108 20.19 -0.49 19.46
C ALA A 108 20.32 1.01 19.27
N GLN A 109 20.44 1.73 20.37
CA GLN A 109 20.70 3.15 20.36
C GLN A 109 22.19 3.38 20.57
N VAL A 110 22.76 4.21 19.70
CA VAL A 110 24.19 4.44 19.70
C VAL A 110 24.48 5.91 19.41
N THR A 111 25.75 6.32 19.56
CA THR A 111 26.17 7.63 19.01
C THR A 111 27.23 7.42 17.92
N PHE A 112 27.16 8.25 16.89
CA PHE A 112 28.08 8.17 15.76
C PHE A 112 28.67 9.56 15.62
N SER A 113 29.96 9.70 15.94
CA SER A 113 30.59 11.00 16.14
C SER A 113 29.66 12.00 16.83
N GLY A 114 29.12 11.60 17.98
CA GLY A 114 28.28 12.48 18.77
C GLY A 114 26.82 12.62 18.37
N GLN A 115 26.42 12.05 17.24
CA GLN A 115 25.04 12.12 16.80
C GLN A 115 24.31 10.84 17.19
N LYS A 116 23.15 10.94 17.84
CA LYS A 116 22.44 9.73 18.25
C LYS A 116 21.78 9.05 17.07
N LEU A 117 22.00 7.73 16.95
CA LEU A 117 21.31 6.89 15.99
C LEU A 117 20.44 5.88 16.74
N TYR A 118 19.24 5.67 16.23
CA TYR A 118 18.30 4.68 16.74
C TYR A 118 18.21 3.63 15.65
N LEU A 119 18.90 2.51 15.87
CA LEU A 119 19.06 1.47 14.85
C LEU A 119 18.06 0.33 15.11
N MET A 120 17.38 -0.11 14.06
CA MET A 120 16.29 -1.08 14.22
C MET A 120 16.35 -2.16 13.16
N THR A 121 16.10 -3.40 13.57
CA THR A 121 15.93 -4.45 12.56
C THR A 121 14.86 -5.46 12.93
N SER A 122 14.28 -6.06 11.90
CA SER A 122 13.28 -7.10 12.08
C SER A 122 13.24 -7.95 10.83
N HIS A 123 12.70 -9.16 10.99
CA HIS A 123 12.40 -10.05 9.89
C HIS A 123 10.88 -10.21 9.99
N LEU A 124 10.12 -9.43 9.23
CA LEU A 124 8.66 -9.46 9.41
C LEU A 124 8.10 -10.79 8.94
N GLU A 125 6.95 -11.17 9.50
CA GLU A 125 6.32 -12.48 9.25
C GLU A 125 6.44 -12.88 7.77
N SER A 126 6.92 -14.10 7.54
CA SER A 126 7.21 -14.57 6.19
C SER A 126 5.97 -15.14 5.53
N CYS A 127 6.04 -15.23 4.20
CA CYS A 127 5.06 -15.92 3.32
C CYS A 127 4.01 -14.99 2.75
N LYS A 128 3.70 -15.18 1.48
CA LYS A 128 2.72 -14.34 0.80
C LYS A 128 1.43 -14.25 1.59
N ASN A 129 0.95 -15.39 2.09
CA ASN A 129 -0.35 -15.38 2.77
C ASN A 129 -0.41 -14.84 4.20
N GLN A 130 0.72 -14.33 4.72
CA GLN A 130 0.76 -13.81 6.09
C GLN A 130 0.66 -12.28 6.15
N SER A 131 0.07 -11.71 5.10
N SER A 131 0.09 -11.69 5.11
CA SER A 131 -0.07 -10.26 4.96
CA SER A 131 -0.01 -10.23 4.99
C SER A 131 -0.67 -9.60 6.19
C SER A 131 -0.67 -9.58 6.21
N GLN A 132 -1.65 -10.24 6.80
CA GLN A 132 -2.29 -9.70 8.00
C GLN A 132 -1.25 -9.48 9.10
N GLU A 133 -0.56 -10.56 9.48
CA GLU A 133 0.33 -10.45 10.64
C GLU A 133 1.49 -9.52 10.30
N ARG A 134 2.03 -9.71 9.10
CA ARG A 134 3.11 -8.85 8.61
C ARG A 134 2.71 -7.38 8.70
N THR A 135 1.47 -7.06 8.32
CA THR A 135 1.13 -5.65 8.31
C THR A 135 0.97 -5.13 9.73
N LYS A 136 0.48 -5.99 10.63
CA LYS A 136 0.40 -5.57 12.03
C LYS A 136 1.79 -5.23 12.51
N GLN A 137 2.75 -6.05 12.08
CA GLN A 137 4.09 -5.86 12.61
C GLN A 137 4.64 -4.58 12.01
N LEU A 138 4.28 -4.33 10.74
CA LEU A 138 4.83 -3.14 10.12
C LEU A 138 4.30 -1.92 10.87
N ARG A 139 3.05 -2.02 11.34
CA ARG A 139 2.47 -0.87 12.05
C ARG A 139 3.36 -0.56 13.25
N VAL A 140 3.69 -1.61 13.99
CA VAL A 140 4.51 -1.43 15.19
C VAL A 140 5.82 -0.75 14.81
N VAL A 141 6.45 -1.26 13.75
CA VAL A 141 7.75 -0.73 13.36
C VAL A 141 7.60 0.76 13.08
N LEU A 142 6.58 1.11 12.30
CA LEU A 142 6.50 2.50 11.85
C LEU A 142 6.23 3.36 13.07
N GLN A 143 5.42 2.83 14.00
CA GLN A 143 5.07 3.65 15.15
C GLN A 143 6.34 3.91 15.95
N LYS A 144 7.19 2.88 16.05
CA LYS A 144 8.40 3.05 16.84
C LYS A 144 9.28 4.09 16.17
N ILE A 145 9.33 4.07 14.84
CA ILE A 145 10.19 5.02 14.14
C ILE A 145 9.64 6.40 14.43
N LYS A 146 8.31 6.48 14.48
CA LYS A 146 7.64 7.76 14.69
C LYS A 146 8.01 8.30 16.06
N GLU A 147 8.12 7.41 17.05
CA GLU A 147 8.20 7.83 18.45
C GLU A 147 9.62 7.93 18.97
N ALA A 148 10.57 7.62 18.10
CA ALA A 148 11.97 7.60 18.51
C ALA A 148 12.37 9.00 18.95
N PRO A 149 13.30 9.09 19.92
CA PRO A 149 13.78 10.37 20.48
C PRO A 149 14.04 11.41 19.39
N GLU A 150 13.66 12.65 19.66
CA GLU A 150 13.74 13.73 18.67
C GLU A 150 15.16 13.97 18.19
N ASP A 151 16.13 13.64 19.04
CA ASP A 151 17.53 13.92 18.76
C ASP A 151 18.23 12.74 18.11
N ALA A 152 17.45 11.74 17.71
CA ALA A 152 18.03 10.58 17.03
C ALA A 152 17.67 10.55 15.54
N ILE A 153 18.65 10.13 14.74
CA ILE A 153 18.41 9.72 13.36
C ILE A 153 17.96 8.27 13.50
N VAL A 154 16.85 7.91 12.87
CA VAL A 154 16.35 6.54 12.92
C VAL A 154 16.66 5.80 11.64
N ILE A 155 17.28 4.64 11.76
CA ILE A 155 17.47 3.77 10.59
C ILE A 155 16.91 2.38 10.89
N PHE A 156 15.86 2.00 10.18
CA PHE A 156 15.37 0.63 10.21
C PHE A 156 15.89 -0.03 8.95
N ALA A 157 16.45 -1.21 9.08
CA ALA A 157 16.83 -1.95 7.88
C ALA A 157 16.53 -3.40 8.15
N GLY A 158 15.83 -4.04 7.23
CA GLY A 158 15.50 -5.42 7.49
C GLY A 158 14.81 -6.12 6.35
N ASP A 159 14.55 -7.41 6.58
CA ASP A 159 13.79 -8.22 5.63
C ASP A 159 12.33 -8.06 6.01
N THR A 160 11.66 -7.19 5.28
CA THR A 160 10.29 -6.84 5.62
C THR A 160 9.28 -7.80 5.02
N ASN A 161 9.71 -8.63 4.07
CA ASN A 161 8.78 -9.50 3.35
C ASN A 161 7.61 -8.77 2.71
N LEU A 162 7.77 -7.46 2.55
CA LEU A 162 6.65 -6.63 2.12
C LEU A 162 6.33 -6.79 0.65
N ARG A 163 5.02 -6.78 0.36
N ARG A 163 5.03 -6.81 0.36
CA ARG A 163 4.52 -6.83 -1.00
CA ARG A 163 4.58 -6.89 -1.01
C ARG A 163 3.96 -5.51 -1.47
C ARG A 163 3.87 -5.63 -1.40
N ASP A 164 3.56 -5.53 -2.74
N ASP A 164 3.39 -5.63 -2.65
CA ASP A 164 2.74 -4.48 -3.33
CA ASP A 164 2.96 -4.43 -3.36
C ASP A 164 1.57 -4.15 -2.43
C ASP A 164 2.21 -3.37 -2.54
N ALA A 165 1.41 -2.84 -2.19
N ALA A 165 0.94 -3.63 -2.23
CA ALA A 165 0.26 -2.29 -1.47
CA ALA A 165 0.12 -2.62 -1.56
C ALA A 165 0.25 -2.55 0.02
C ALA A 165 0.20 -2.65 -0.04
N GLU A 166 1.09 -3.47 0.52
CA GLU A 166 1.07 -3.69 1.96
C GLU A 166 1.44 -2.44 2.75
N VAL A 167 2.34 -1.63 2.21
CA VAL A 167 2.66 -0.36 2.84
C VAL A 167 1.53 0.63 2.63
N ALA A 168 1.02 0.70 1.40
CA ALA A 168 -0.12 1.55 1.09
C ALA A 168 -1.32 1.14 1.96
N ASN A 169 -1.60 -0.16 2.01
CA ASN A 169 -2.74 -0.65 2.79
C ASN A 169 -2.56 -0.50 4.31
N VAL A 170 -1.48 0.16 4.73
CA VAL A 170 -1.30 0.50 6.14
C VAL A 170 -1.39 2.02 6.31
N GLY A 171 -1.61 2.73 5.20
CA GLY A 171 -1.69 4.18 5.24
C GLY A 171 -0.45 4.88 4.73
N GLY A 172 0.49 4.10 4.19
CA GLY A 172 1.76 4.62 3.72
C GLY A 172 2.72 4.91 4.86
N LEU A 173 3.94 5.31 4.53
CA LEU A 173 4.91 5.69 5.53
C LEU A 173 4.50 7.00 6.20
N PRO A 174 4.73 7.14 7.51
CA PRO A 174 4.38 8.40 8.18
C PRO A 174 5.24 9.57 7.70
N ALA A 175 4.73 10.80 7.86
CA ALA A 175 5.50 11.99 7.51
C ALA A 175 6.86 11.99 8.19
N GLY A 176 7.91 12.34 7.44
CA GLY A 176 9.23 12.38 8.02
C GLY A 176 9.99 11.08 7.82
N VAL A 177 9.27 10.02 7.44
CA VAL A 177 9.89 8.70 7.23
C VAL A 177 9.91 8.33 5.76
N CYS A 178 11.10 8.04 5.22
CA CYS A 178 11.20 7.64 3.82
C CYS A 178 11.76 6.23 3.63
N ASP A 179 11.49 5.67 2.46
CA ASP A 179 12.12 4.42 2.04
C ASP A 179 13.34 4.86 1.24
N VAL A 180 14.53 4.41 1.65
CA VAL A 180 15.77 4.83 1.00
C VAL A 180 15.83 4.56 -0.51
N TRP A 181 15.40 3.38 -0.91
CA TRP A 181 15.39 3.05 -2.33
C TRP A 181 14.51 4.02 -3.11
N GLU A 182 13.36 4.39 -2.53
CA GLU A 182 12.48 5.36 -3.19
C GLU A 182 13.16 6.72 -3.24
N GLN A 183 13.67 7.14 -2.09
CA GLN A 183 14.34 8.43 -1.96
C GLN A 183 15.48 8.59 -2.96
N LEU A 184 16.16 7.49 -3.28
CA LEU A 184 17.32 7.55 -4.17
C LEU A 184 16.94 7.44 -5.65
N GLY A 185 15.63 7.36 -5.93
CA GLY A 185 15.18 7.44 -7.30
C GLY A 185 14.56 6.20 -7.91
N LYS A 186 14.19 5.24 -7.06
CA LYS A 186 13.65 3.96 -7.51
C LYS A 186 14.47 3.36 -8.64
N GLN A 187 15.78 3.29 -8.44
CA GLN A 187 16.67 2.77 -9.48
C GLN A 187 16.43 1.29 -9.71
N GLU A 188 16.35 0.91 -10.98
CA GLU A 188 15.93 -0.44 -11.35
C GLU A 188 16.97 -1.51 -11.05
N HIS A 189 18.24 -1.15 -11.07
N HIS A 189 18.24 -1.10 -11.00
CA HIS A 189 19.28 -2.15 -10.86
CA HIS A 189 19.36 -2.01 -10.81
C HIS A 189 19.61 -2.30 -9.38
C HIS A 189 19.60 -2.41 -9.35
N CYS A 190 18.81 -1.63 -8.55
N CYS A 190 19.02 -1.63 -8.43
CA CYS A 190 18.96 -1.68 -7.11
CA CYS A 190 19.06 -2.01 -7.01
C CYS A 190 17.62 -2.07 -6.49
C CYS A 190 17.64 -2.16 -6.47
N ARG A 191 16.73 -2.64 -7.30
CA ARG A 191 15.33 -2.85 -6.91
C ARG A 191 15.01 -4.19 -6.19
N TYR A 192 15.13 -5.30 -6.91
CA TYR A 192 14.73 -6.59 -6.34
C TYR A 192 15.84 -7.19 -5.48
N THR A 193 15.46 -7.60 -4.28
CA THR A 193 16.41 -8.16 -3.33
C THR A 193 16.24 -9.66 -3.13
N TRP A 194 15.12 -10.20 -3.60
CA TRP A 194 14.88 -11.64 -3.60
C TRP A 194 14.41 -11.99 -5.02
N ASP A 195 15.23 -12.70 -5.78
CA ASP A 195 15.00 -12.87 -7.23
C ASP A 195 15.32 -14.30 -7.62
N THR A 196 14.30 -15.12 -7.86
CA THR A 196 14.54 -16.55 -8.10
C THR A 196 15.09 -16.81 -9.49
N LYS A 197 14.94 -15.84 -10.38
CA LYS A 197 15.53 -15.93 -11.71
C LYS A 197 17.05 -15.75 -11.64
N ALA A 198 17.48 -14.73 -10.89
CA ALA A 198 18.90 -14.35 -10.84
C ALA A 198 19.67 -15.12 -9.77
N ASN A 199 18.95 -15.63 -8.78
CA ASN A 199 19.54 -16.38 -7.67
C ASN A 199 19.06 -17.82 -7.67
N SER A 200 20.01 -18.75 -7.75
CA SER A 200 19.71 -20.16 -7.94
C SER A 200 19.89 -20.99 -6.67
N ASN A 201 19.95 -20.32 -5.52
CA ASN A 201 20.15 -21.05 -4.26
C ASN A 201 18.91 -21.87 -3.92
N LYS A 202 17.75 -21.29 -4.16
CA LYS A 202 16.51 -22.02 -4.02
C LYS A 202 16.11 -22.65 -5.35
N THR A 203 15.80 -23.94 -5.31
CA THR A 203 15.31 -24.64 -6.48
C THR A 203 13.81 -24.43 -6.59
N VAL A 204 13.39 -23.57 -7.52
CA VAL A 204 11.98 -23.37 -7.83
C VAL A 204 11.79 -23.34 -9.34
N PRO A 205 10.59 -23.72 -9.83
CA PRO A 205 10.31 -23.73 -11.27
C PRO A 205 10.01 -22.34 -11.83
N TYR A 206 9.50 -21.45 -10.98
CA TYR A 206 8.93 -20.17 -11.41
C TYR A 206 9.90 -19.00 -11.23
N VAL A 207 9.55 -17.88 -11.86
CA VAL A 207 10.28 -16.63 -11.65
C VAL A 207 9.50 -15.74 -10.67
N SER A 208 10.20 -15.24 -9.65
N SER A 208 10.18 -15.27 -9.63
CA SER A 208 9.63 -14.28 -8.72
CA SER A 208 9.60 -14.34 -8.69
C SER A 208 10.69 -13.25 -8.38
C SER A 208 10.65 -13.29 -8.31
N ARG A 209 10.33 -11.98 -8.41
N ARG A 209 10.27 -12.02 -8.35
CA ARG A 209 11.28 -10.90 -8.12
CA ARG A 209 11.22 -10.95 -8.08
C ARG A 209 10.64 -9.91 -7.14
C ARG A 209 10.61 -9.93 -7.12
N CYS A 210 11.12 -9.89 -5.90
CA CYS A 210 10.51 -9.09 -4.84
C CYS A 210 11.48 -8.15 -4.13
N ARG A 211 10.95 -7.03 -3.63
CA ARG A 211 11.75 -6.08 -2.87
C ARG A 211 11.44 -6.25 -1.38
N PHE A 212 11.91 -7.34 -0.81
CA PHE A 212 11.62 -7.68 0.58
C PHE A 212 12.48 -6.86 1.53
N ASP A 213 13.72 -6.58 1.13
CA ASP A 213 14.67 -5.94 2.02
C ASP A 213 14.59 -4.44 1.82
N ARG A 214 14.30 -3.72 2.90
CA ARG A 214 14.08 -2.27 2.83
C ARG A 214 14.72 -1.53 3.99
N ILE A 215 15.02 -0.25 3.73
CA ILE A 215 15.57 0.65 4.73
C ILE A 215 14.63 1.83 4.86
N PHE A 216 14.21 2.12 6.09
CA PHE A 216 13.39 3.29 6.39
C PHE A 216 14.25 4.29 7.18
N LEU A 217 14.13 5.57 6.83
CA LEU A 217 14.99 6.60 7.42
C LEU A 217 14.15 7.74 7.96
N ARG A 218 14.48 8.18 9.16
CA ARG A 218 13.88 9.39 9.73
C ARG A 218 14.98 10.28 10.26
N SER A 219 14.91 11.59 10.00
CA SER A 219 15.96 12.48 10.50
C SER A 219 15.73 12.80 11.97
N ALA A 220 16.75 13.40 12.58
CA ALA A 220 16.61 13.99 13.91
C ALA A 220 16.14 15.43 13.72
N LYS A 221 15.42 15.98 14.69
CA LYS A 221 15.02 17.38 14.64
C LYS A 221 16.17 18.28 15.09
N THR A 222 17.07 17.71 15.89
CA THR A 222 18.19 18.43 16.48
C THR A 222 19.35 18.67 15.52
N ALA A 223 19.18 18.22 14.28
CA ALA A 223 20.23 18.31 13.27
C ALA A 223 19.60 18.46 11.88
N PRO A 224 20.38 18.91 10.87
CA PRO A 224 19.76 19.09 9.55
C PRO A 224 19.37 17.73 8.97
N PRO A 225 18.43 17.70 8.01
CA PRO A 225 17.94 16.43 7.45
C PRO A 225 19.06 15.52 6.98
N VAL A 226 18.89 14.23 7.19
CA VAL A 226 19.82 13.22 6.69
C VAL A 226 19.29 12.75 5.36
N THR A 227 20.18 12.67 4.38
CA THR A 227 19.81 12.13 3.08
C THR A 227 20.63 10.87 2.82
N PRO A 228 19.99 9.86 2.23
CA PRO A 228 20.82 8.73 1.79
C PRO A 228 21.71 9.20 0.66
N ASP A 229 22.86 8.57 0.50
CA ASP A 229 23.78 9.02 -0.52
C ASP A 229 23.88 8.00 -1.65
N HIS A 230 24.27 6.79 -1.30
N HIS A 230 24.26 6.78 -1.30
CA HIS A 230 24.49 5.74 -2.31
CA HIS A 230 24.47 5.75 -2.30
C HIS A 230 23.98 4.39 -1.80
C HIS A 230 23.97 4.40 -1.80
N MET A 231 23.36 3.62 -2.68
CA MET A 231 22.91 2.27 -2.32
C MET A 231 23.31 1.29 -3.43
N ALA A 232 23.65 0.06 -3.03
CA ALA A 232 24.02 -0.99 -3.99
C ALA A 232 23.55 -2.34 -3.46
N LEU A 233 23.18 -3.25 -4.35
CA LEU A 233 22.90 -4.62 -3.93
C LEU A 233 24.16 -5.46 -4.07
N ILE A 234 24.43 -6.30 -3.09
CA ILE A 234 25.66 -7.07 -3.10
C ILE A 234 25.34 -8.54 -2.91
N GLY A 235 26.32 -9.38 -3.18
CA GLY A 235 26.14 -10.82 -3.04
C GLY A 235 25.69 -11.54 -4.30
N MET A 236 25.57 -10.86 -5.44
CA MET A 236 25.14 -11.56 -6.65
C MET A 236 26.28 -12.11 -7.49
N GLU A 237 27.21 -12.75 -6.83
CA GLU A 237 28.27 -13.47 -7.50
C GLU A 237 28.42 -14.76 -6.70
N LYS A 238 28.53 -15.90 -7.39
CA LYS A 238 28.69 -17.17 -6.67
C LYS A 238 30.03 -17.26 -5.94
N LEU A 239 30.00 -17.94 -4.79
CA LEU A 239 31.20 -18.27 -4.03
C LEU A 239 31.91 -19.46 -4.66
N ASP A 240 33.09 -19.78 -4.14
CA ASP A 240 33.87 -20.92 -4.61
C ASP A 240 33.07 -22.22 -4.63
N CYS A 241 32.15 -22.35 -3.66
CA CYS A 241 31.34 -23.57 -3.54
C CYS A 241 30.26 -23.66 -4.60
N GLY A 242 30.10 -22.61 -5.41
CA GLY A 242 29.12 -22.65 -6.48
C GLY A 242 27.74 -22.20 -6.08
N ARG A 243 27.60 -21.69 -4.85
CA ARG A 243 26.33 -21.14 -4.40
C ARG A 243 26.51 -19.67 -4.00
N TYR A 244 25.40 -18.93 -3.95
CA TYR A 244 25.41 -17.56 -3.47
C TYR A 244 25.45 -17.54 -1.95
N THR A 245 25.91 -16.43 -1.37
CA THR A 245 25.96 -16.27 0.08
C THR A 245 24.58 -16.54 0.68
N SER A 246 23.53 -16.06 0.00
CA SER A 246 22.17 -16.21 0.49
C SER A 246 21.19 -16.26 -0.67
N ASP A 247 19.94 -16.64 -0.40
CA ASP A 247 18.90 -16.51 -1.43
C ASP A 247 18.43 -15.06 -1.59
N HIS A 248 18.85 -14.19 -0.67
CA HIS A 248 18.59 -12.75 -0.79
C HIS A 248 19.87 -12.05 -1.25
N TRP A 249 19.74 -10.91 -1.92
CA TRP A 249 20.90 -10.02 -2.07
C TRP A 249 21.00 -9.14 -0.83
N GLY A 250 22.20 -8.69 -0.50
CA GLY A 250 22.38 -7.77 0.61
C GLY A 250 22.27 -6.34 0.14
N ILE A 251 21.99 -5.42 1.05
CA ILE A 251 21.97 -4.00 0.71
C ILE A 251 23.15 -3.30 1.38
N TYR A 252 23.94 -2.58 0.59
CA TYR A 252 24.94 -1.67 1.14
C TYR A 252 24.43 -0.24 0.96
N CYS A 253 24.51 0.60 2.00
CA CYS A 253 23.95 1.95 1.86
C CYS A 253 24.73 2.96 2.69
N THR A 254 24.97 4.13 2.12
CA THR A 254 25.63 5.21 2.87
C THR A 254 24.70 6.39 3.08
N PHE A 255 25.04 7.22 4.07
CA PHE A 255 24.19 8.34 4.46
C PHE A 255 25.04 9.56 4.69
N ASN A 256 24.45 10.69 4.29
CA ASN A 256 24.99 12.02 4.50
C ASN A 256 24.53 12.51 5.86
N THR A 257 25.40 12.41 6.86
CA THR A 257 25.10 12.95 8.18
C THR A 257 25.99 14.15 8.45
N THR B 1 -42.92 15.96 -20.53
CA THR B 1 -43.03 16.35 -19.13
C THR B 1 -42.25 17.63 -18.79
N ALA B 2 -42.67 18.33 -17.74
CA ALA B 2 -42.12 19.65 -17.42
C ALA B 2 -40.73 19.63 -16.77
N LYS B 3 -40.04 20.77 -16.87
CA LYS B 3 -38.67 20.95 -16.40
C LYS B 3 -38.38 20.37 -15.00
N SER B 4 -39.30 20.58 -14.07
CA SER B 4 -39.07 20.24 -12.67
C SER B 4 -39.26 18.76 -12.40
N GLU B 5 -40.21 18.15 -13.11
CA GLU B 5 -40.41 16.70 -13.04
C GLU B 5 -39.19 15.99 -13.63
N VAL B 6 -38.54 16.64 -14.60
CA VAL B 6 -37.33 16.12 -15.21
C VAL B 6 -36.12 16.26 -14.29
N GLU B 7 -35.97 17.44 -13.68
CA GLU B 7 -34.87 17.67 -12.74
C GLU B 7 -35.01 16.80 -11.48
N ASP B 8 -36.25 16.46 -11.12
CA ASP B 8 -36.49 15.63 -9.95
C ASP B 8 -36.20 14.16 -10.27
N SER B 9 -36.37 13.78 -11.52
CA SER B 9 -36.14 12.40 -11.91
C SER B 9 -34.66 12.11 -12.16
N LYS B 10 -33.82 13.15 -12.12
CA LYS B 10 -32.37 12.98 -12.36
C LYS B 10 -31.72 12.25 -11.21
N LEU B 11 -30.93 11.23 -11.52
CA LEU B 11 -30.24 10.50 -10.47
C LEU B 11 -28.93 11.20 -10.10
N SER B 12 -28.62 11.33 -8.81
CA SER B 12 -27.32 11.88 -8.41
C SER B 12 -26.54 10.83 -7.63
N ILE B 13 -25.24 10.75 -7.88
CA ILE B 13 -24.36 9.83 -7.17
C ILE B 13 -23.10 10.53 -6.70
N ILE B 14 -22.50 9.96 -5.66
CA ILE B 14 -21.13 10.31 -5.30
C ILE B 14 -20.33 9.02 -5.23
N SER B 15 -19.10 9.04 -5.74
CA SER B 15 -18.22 7.89 -5.57
C SER B 15 -16.94 8.42 -4.92
N TRP B 16 -16.45 7.76 -3.87
CA TRP B 16 -15.30 8.31 -3.15
C TRP B 16 -14.55 7.24 -2.39
N ASN B 17 -13.24 7.14 -2.65
CA ASN B 17 -12.34 6.35 -1.81
C ASN B 17 -11.98 7.26 -0.61
N VAL B 18 -12.44 6.89 0.58
CA VAL B 18 -12.37 7.79 1.72
C VAL B 18 -11.08 7.67 2.51
N ASP B 19 -10.18 6.80 2.04
CA ASP B 19 -8.84 6.65 2.65
C ASP B 19 -8.96 6.33 4.15
N GLY B 20 -9.74 5.30 4.48
CA GLY B 20 -9.92 4.89 5.86
C GLY B 20 -8.66 4.26 6.42
N LEU B 21 -7.71 3.92 5.56
CA LEU B 21 -6.45 3.33 5.99
C LEU B 21 -5.49 4.36 6.55
N ASP B 22 -5.78 5.63 6.28
CA ASP B 22 -5.07 6.75 6.89
C ASP B 22 -5.73 7.05 8.23
N THR B 23 -5.05 6.75 9.32
CA THR B 23 -5.64 6.91 10.65
C THR B 23 -5.65 8.37 11.10
N LEU B 24 -4.86 9.19 10.43
CA LEU B 24 -4.67 10.58 10.86
C LEU B 24 -5.94 11.44 10.66
N ASN B 25 -6.45 11.98 11.77
CA ASN B 25 -7.68 12.79 11.75
C ASN B 25 -8.87 12.07 11.13
N LEU B 26 -8.94 10.75 11.30
CA LEU B 26 -9.99 9.99 10.64
C LEU B 26 -11.41 10.41 11.05
N ALA B 27 -11.63 10.68 12.34
CA ALA B 27 -12.96 11.11 12.78
C ALA B 27 -13.39 12.45 12.16
N ASP B 28 -12.47 13.41 12.18
CA ASP B 28 -12.70 14.72 11.57
C ASP B 28 -13.01 14.58 10.09
N ARG B 29 -12.30 13.66 9.43
CA ARG B 29 -12.48 13.46 7.99
CA ARG B 29 -12.48 13.44 7.99
C ARG B 29 -13.80 12.77 7.64
N ALA B 30 -14.24 11.86 8.51
CA ALA B 30 -15.57 11.26 8.33
C ALA B 30 -16.65 12.33 8.52
N ARG B 31 -16.40 13.24 9.47
CA ARG B 31 -17.31 14.38 9.61
C ARG B 31 -17.35 15.22 8.33
N GLY B 32 -16.17 15.43 7.74
CA GLY B 32 -16.06 16.12 6.45
C GLY B 32 -16.92 15.46 5.38
N LEU B 33 -16.78 14.14 5.27
CA LEU B 33 -17.55 13.38 4.28
C LEU B 33 -19.03 13.63 4.49
N CYS B 34 -19.46 13.53 5.75
CA CYS B 34 -20.87 13.78 6.05
C CYS B 34 -21.33 15.19 5.64
N SER B 35 -20.45 16.18 5.80
N SER B 35 -20.45 16.17 5.81
CA SER B 35 -20.81 17.53 5.37
CA SER B 35 -20.77 17.52 5.38
C SER B 35 -21.00 17.61 3.86
C SER B 35 -21.00 17.58 3.87
N TYR B 36 -20.17 16.87 3.12
CA TYR B 36 -20.38 16.80 1.66
C TYR B 36 -21.68 16.09 1.31
N LEU B 37 -22.03 15.03 2.06
CA LEU B 37 -23.28 14.33 1.75
C LEU B 37 -24.47 15.23 2.03
N ALA B 38 -24.39 16.04 3.09
CA ALA B 38 -25.44 17.01 3.39
C ALA B 38 -25.54 18.08 2.32
N LEU B 39 -24.39 18.47 1.77
CA LEU B 39 -24.40 19.48 0.71
C LEU B 39 -25.00 18.96 -0.61
N TYR B 40 -24.61 17.76 -1.03
CA TYR B 40 -25.01 17.24 -2.35
C TYR B 40 -26.23 16.33 -2.33
N THR B 41 -26.66 15.92 -1.14
CA THR B 41 -27.77 14.95 -0.96
C THR B 41 -27.85 13.91 -2.08
N PRO B 42 -26.77 13.14 -2.26
CA PRO B 42 -26.81 12.19 -3.39
C PRO B 42 -27.81 11.08 -3.17
N ASP B 43 -28.37 10.60 -4.27
CA ASP B 43 -29.27 9.44 -4.21
C ASP B 43 -28.53 8.15 -3.89
N VAL B 44 -27.33 8.01 -4.43
CA VAL B 44 -26.51 6.81 -4.17
C VAL B 44 -25.11 7.26 -3.82
N VAL B 45 -24.48 6.62 -2.85
CA VAL B 45 -23.06 6.89 -2.55
C VAL B 45 -22.31 5.57 -2.69
N PHE B 46 -21.21 5.59 -3.45
CA PHE B 46 -20.35 4.41 -3.60
C PHE B 46 -19.06 4.73 -2.87
N LEU B 47 -18.67 3.95 -1.86
CA LEU B 47 -17.51 4.31 -1.06
C LEU B 47 -16.49 3.17 -1.07
N GLN B 48 -15.21 3.53 -0.98
CA GLN B 48 -14.13 2.54 -0.88
C GLN B 48 -13.21 2.90 0.27
N GLU B 49 -12.49 1.89 0.76
CA GLU B 49 -11.62 2.03 1.95
C GLU B 49 -12.34 2.50 3.20
N LEU B 50 -13.57 2.02 3.41
CA LEU B 50 -14.21 2.16 4.70
C LEU B 50 -13.53 1.20 5.65
N ILE B 51 -13.54 1.54 6.94
CA ILE B 51 -13.19 0.59 7.98
C ILE B 51 -14.36 0.57 8.97
N PRO B 52 -14.44 -0.44 9.86
CA PRO B 52 -15.63 -0.51 10.72
C PRO B 52 -15.97 0.76 11.52
N ALA B 53 -15.01 1.42 12.14
CA ALA B 53 -15.33 2.64 12.92
C ALA B 53 -15.97 3.73 12.04
N TYR B 54 -15.45 3.87 10.82
CA TYR B 54 -15.90 4.86 9.86
C TYR B 54 -17.35 4.59 9.43
N VAL B 55 -17.61 3.35 9.02
CA VAL B 55 -18.98 3.04 8.58
C VAL B 55 -19.95 3.09 9.76
N GLN B 56 -19.50 2.73 10.96
CA GLN B 56 -20.36 2.84 12.16
C GLN B 56 -20.77 4.31 12.37
N TYR B 57 -19.78 5.19 12.24
CA TYR B 57 -20.04 6.62 12.36
C TYR B 57 -21.06 7.10 11.34
N LEU B 58 -20.82 6.74 10.07
CA LEU B 58 -21.75 7.13 9.00
C LEU B 58 -23.16 6.64 9.30
N LYS B 59 -23.27 5.41 9.77
CA LYS B 59 -24.59 4.83 10.04
C LYS B 59 -25.29 5.58 11.14
N LYS B 60 -24.53 6.10 12.11
CA LYS B 60 -25.14 6.97 13.13
C LYS B 60 -25.55 8.34 12.63
N ARG B 61 -24.79 8.91 11.70
CA ARG B 61 -25.10 10.27 11.21
C ARG B 61 -26.06 10.30 10.01
N ALA B 62 -25.79 9.46 9.03
CA ALA B 62 -26.52 9.52 7.76
C ALA B 62 -27.73 8.58 7.76
N VAL B 63 -28.66 8.81 8.68
CA VAL B 63 -29.77 7.88 8.95
C VAL B 63 -30.81 7.86 7.84
N SER B 64 -30.73 8.81 6.91
CA SER B 64 -31.65 8.83 5.79
C SER B 64 -31.19 7.89 4.66
N TYR B 65 -30.07 7.19 4.88
CA TYR B 65 -29.55 6.22 3.91
C TYR B 65 -29.61 4.80 4.45
N LEU B 66 -29.77 3.84 3.54
CA LEU B 66 -29.66 2.41 3.84
C LEU B 66 -28.26 2.02 3.42
N PHE B 67 -27.59 1.20 4.24
CA PHE B 67 -26.19 0.86 4.03
C PHE B 67 -25.96 -0.60 3.65
N PHE B 68 -25.01 -0.82 2.75
CA PHE B 68 -24.51 -2.16 2.42
C PHE B 68 -23.01 -2.13 2.35
N GLU B 69 -22.34 -3.15 2.88
CA GLU B 69 -20.88 -3.16 2.87
C GLU B 69 -20.28 -4.42 2.24
N GLY B 70 -19.05 -4.29 1.75
CA GLY B 70 -18.39 -5.40 1.08
C GLY B 70 -17.75 -6.39 2.05
N SER B 71 -17.66 -5.98 3.32
CA SER B 71 -17.13 -6.85 4.38
C SER B 71 -17.51 -6.32 5.75
N ASP B 72 -17.21 -7.08 6.80
CA ASP B 72 -17.50 -6.64 8.15
C ASP B 72 -16.22 -6.28 8.92
N ASP B 73 -15.06 -6.61 8.36
CA ASP B 73 -13.80 -6.21 8.98
C ASP B 73 -12.71 -5.90 7.96
N GLY B 74 -11.54 -5.47 8.44
CA GLY B 74 -10.49 -5.01 7.54
C GLY B 74 -10.89 -3.67 6.97
N TYR B 75 -10.71 -3.51 5.65
CA TYR B 75 -11.23 -2.34 4.94
C TYR B 75 -12.04 -2.86 3.76
N PHE B 76 -13.06 -2.10 3.35
CA PHE B 76 -14.04 -2.63 2.42
C PHE B 76 -14.81 -1.48 1.75
N THR B 77 -15.65 -1.86 0.79
CA THR B 77 -16.46 -0.90 0.08
C THR B 77 -17.83 -0.76 0.74
N GLY B 78 -18.60 0.23 0.29
CA GLY B 78 -19.95 0.43 0.78
C GLY B 78 -20.83 1.04 -0.30
N ILE B 79 -22.13 0.76 -0.23
CA ILE B 79 -23.13 1.48 -1.03
C ILE B 79 -24.17 2.04 -0.05
N MET B 80 -24.48 3.33 -0.20
CA MET B 80 -25.53 3.98 0.57
C MET B 80 -26.66 4.37 -0.36
N LEU B 81 -27.90 4.12 0.05
CA LEU B 81 -29.07 4.39 -0.79
C LEU B 81 -30.02 5.33 -0.07
N ARG B 82 -30.35 6.44 -0.70
CA ARG B 82 -31.19 7.47 -0.07
C ARG B 82 -32.64 6.96 -0.04
N LYS B 83 -33.16 6.71 1.15
CA LYS B 83 -34.42 5.99 1.32
C LYS B 83 -35.62 6.71 0.76
N SER B 84 -35.55 8.04 0.67
CA SER B 84 -36.67 8.79 0.13
C SER B 84 -36.70 8.76 -1.39
N ARG B 85 -35.61 8.27 -2.01
CA ARG B 85 -35.47 8.37 -3.46
C ARG B 85 -35.25 7.02 -4.18
N VAL B 86 -34.65 6.08 -3.47
CA VAL B 86 -34.21 4.82 -4.06
C VAL B 86 -34.77 3.66 -3.25
N LYS B 87 -35.45 2.73 -3.94
CA LYS B 87 -36.04 1.59 -3.27
C LYS B 87 -35.14 0.36 -3.39
N PHE B 88 -34.64 -0.14 -2.26
CA PHE B 88 -33.75 -1.30 -2.27
C PHE B 88 -34.51 -2.58 -2.59
N LEU B 89 -33.97 -3.39 -3.50
CA LEU B 89 -34.58 -4.68 -3.82
C LEU B 89 -33.73 -5.84 -3.32
N GLU B 90 -32.46 -5.87 -3.71
CA GLU B 90 -31.61 -6.98 -3.24
C GLU B 90 -30.15 -6.66 -3.40
N SER B 91 -29.28 -7.40 -2.72
CA SER B 91 -27.84 -7.13 -2.86
C SER B 91 -27.06 -8.42 -2.90
N GLU B 92 -25.81 -8.35 -3.34
CA GLU B 92 -24.92 -9.51 -3.31
C GLU B 92 -23.47 -9.08 -3.43
N ILE B 93 -22.58 -10.00 -3.09
CA ILE B 93 -21.15 -9.76 -3.21
C ILE B 93 -20.59 -10.87 -4.07
N ILE B 94 -19.80 -10.49 -5.07
CA ILE B 94 -19.12 -11.44 -5.94
C ILE B 94 -17.64 -11.41 -5.58
N CYS B 95 -17.06 -12.57 -5.33
N CYS B 95 -17.06 -12.57 -5.32
CA CYS B 95 -15.68 -12.64 -4.85
CA CYS B 95 -15.68 -12.63 -4.85
C CYS B 95 -14.68 -12.52 -6.00
C CYS B 95 -14.67 -12.54 -5.99
N PHE B 96 -13.49 -12.03 -5.68
CA PHE B 96 -12.38 -11.96 -6.63
C PHE B 96 -11.39 -13.01 -6.13
N PRO B 97 -11.43 -14.21 -6.70
CA PRO B 97 -10.69 -15.38 -6.19
C PRO B 97 -9.21 -15.11 -5.90
N THR B 98 -8.54 -14.40 -6.79
CA THR B 98 -7.09 -14.19 -6.66
C THR B 98 -6.64 -12.86 -6.08
N THR B 99 -7.55 -12.10 -5.45
CA THR B 99 -7.13 -10.89 -4.78
C THR B 99 -6.25 -11.21 -3.56
N GLN B 100 -5.29 -10.34 -3.28
CA GLN B 100 -4.47 -10.47 -2.09
C GLN B 100 -4.82 -9.36 -1.14
N MET B 101 -5.89 -8.62 -1.48
CA MET B 101 -6.19 -7.39 -0.78
C MET B 101 -7.66 -7.32 -0.38
N MET B 102 -8.30 -8.48 -0.32
CA MET B 102 -9.69 -8.64 0.12
C MET B 102 -10.67 -7.88 -0.78
N ARG B 103 -10.31 -7.68 -2.05
CA ARG B 103 -11.18 -6.93 -2.96
C ARG B 103 -12.31 -7.78 -3.52
N ASN B 104 -13.45 -7.15 -3.82
CA ASN B 104 -14.60 -7.89 -4.35
C ASN B 104 -15.56 -6.94 -5.06
N LEU B 105 -16.70 -7.46 -5.49
CA LEU B 105 -17.67 -6.66 -6.24
C LEU B 105 -18.98 -6.62 -5.48
N LEU B 106 -19.39 -5.42 -5.07
CA LEU B 106 -20.60 -5.24 -4.25
C LEU B 106 -21.69 -4.71 -5.17
N ILE B 107 -22.83 -5.40 -5.17
CA ILE B 107 -23.94 -5.08 -6.07
C ILE B 107 -25.25 -4.85 -5.30
N ALA B 108 -25.96 -3.78 -5.64
CA ALA B 108 -27.32 -3.53 -5.14
C ALA B 108 -28.27 -3.29 -6.30
N GLN B 109 -29.36 -4.06 -6.33
CA GLN B 109 -30.43 -3.82 -7.27
C GLN B 109 -31.53 -3.03 -6.58
N VAL B 110 -31.98 -1.99 -7.28
CA VAL B 110 -32.94 -1.02 -6.74
C VAL B 110 -33.93 -0.55 -7.79
N THR B 111 -35.01 0.11 -7.34
CA THR B 111 -35.89 0.86 -8.24
C THR B 111 -35.70 2.35 -7.99
N PHE B 112 -35.67 3.14 -9.07
CA PHE B 112 -35.51 4.59 -9.00
C PHE B 112 -36.21 5.25 -10.17
N SER B 113 -37.05 6.25 -9.90
CA SER B 113 -37.78 6.93 -10.99
C SER B 113 -38.45 5.94 -11.94
N GLY B 114 -39.06 4.90 -11.37
CA GLY B 114 -39.80 3.93 -12.16
C GLY B 114 -38.95 2.92 -12.93
N GLN B 115 -37.64 2.93 -12.69
CA GLN B 115 -36.71 2.12 -13.47
C GLN B 115 -35.85 1.22 -12.58
N LYS B 116 -35.47 0.06 -13.09
CA LYS B 116 -34.56 -0.81 -12.35
C LYS B 116 -33.12 -0.33 -12.54
N LEU B 117 -32.38 -0.20 -11.43
CA LEU B 117 -30.95 0.10 -11.50
C LEU B 117 -30.17 -1.01 -10.83
N TYR B 118 -29.01 -1.31 -11.41
CA TYR B 118 -28.07 -2.31 -10.94
C TYR B 118 -26.81 -1.48 -10.59
N LEU B 119 -26.56 -1.30 -9.29
CA LEU B 119 -25.51 -0.42 -8.80
C LEU B 119 -24.34 -1.26 -8.31
N MET B 120 -23.12 -0.95 -8.74
CA MET B 120 -21.96 -1.79 -8.44
C MET B 120 -20.80 -0.96 -7.93
N THR B 121 -20.02 -1.50 -6.99
CA THR B 121 -18.77 -0.82 -6.64
C THR B 121 -17.68 -1.84 -6.33
N SER B 122 -16.46 -1.40 -6.53
CA SER B 122 -15.28 -2.19 -6.20
C SER B 122 -14.10 -1.25 -5.98
N HIS B 123 -13.09 -1.78 -5.33
CA HIS B 123 -11.81 -1.13 -5.18
C HIS B 123 -10.84 -2.12 -5.78
N LEU B 124 -10.51 -1.96 -7.07
CA LEU B 124 -9.74 -3.00 -7.77
C LEU B 124 -8.32 -3.06 -7.25
N GLU B 125 -7.70 -4.22 -7.45
CA GLU B 125 -6.34 -4.49 -6.93
C GLU B 125 -5.41 -3.29 -7.11
N SER B 126 -4.72 -2.91 -6.03
CA SER B 126 -3.93 -1.69 -5.97
C SER B 126 -2.51 -1.90 -6.49
N CYS B 127 -1.92 -0.77 -6.91
CA CYS B 127 -0.50 -0.67 -7.29
C CYS B 127 -0.19 -1.05 -8.75
N LYS B 128 0.73 -0.31 -9.36
CA LYS B 128 1.04 -0.49 -10.78
C LYS B 128 1.41 -1.94 -11.11
N ASN B 129 2.24 -2.49 -10.24
CA ASN B 129 2.76 -3.83 -10.32
C ASN B 129 1.68 -4.93 -10.31
N GLN B 130 0.46 -4.55 -9.92
CA GLN B 130 -0.63 -5.52 -9.88
C GLN B 130 -1.55 -5.42 -11.09
N SER B 131 -1.01 -4.83 -12.17
CA SER B 131 -1.75 -4.77 -13.43
C SER B 131 -2.47 -6.07 -13.82
N GLN B 132 -1.82 -7.22 -13.61
CA GLN B 132 -2.43 -8.48 -14.02
C GLN B 132 -3.72 -8.75 -13.22
N GLU B 133 -3.63 -8.65 -11.89
CA GLU B 133 -4.78 -9.05 -11.09
C GLU B 133 -5.90 -8.03 -11.30
N ARG B 134 -5.51 -6.77 -11.31
CA ARG B 134 -6.45 -5.68 -11.55
C ARG B 134 -7.19 -5.93 -12.86
N THR B 135 -6.45 -6.38 -13.88
CA THR B 135 -7.08 -6.53 -15.18
C THR B 135 -8.09 -7.65 -15.09
N LYS B 136 -7.71 -8.72 -14.39
CA LYS B 136 -8.64 -9.84 -14.28
C LYS B 136 -9.92 -9.35 -13.61
N GLN B 137 -9.75 -8.51 -12.59
CA GLN B 137 -10.92 -8.08 -11.84
C GLN B 137 -11.75 -7.20 -12.76
N LEU B 138 -11.08 -6.36 -13.54
CA LEU B 138 -11.81 -5.50 -14.48
C LEU B 138 -12.68 -6.37 -15.37
N ARG B 139 -12.15 -7.49 -15.85
N ARG B 139 -12.15 -7.49 -15.85
CA ARG B 139 -12.92 -8.32 -16.77
CA ARG B 139 -12.92 -8.31 -16.77
C ARG B 139 -14.20 -8.81 -16.10
C ARG B 139 -14.20 -8.81 -16.10
N VAL B 140 -14.09 -9.21 -14.84
CA VAL B 140 -15.23 -9.71 -14.09
C VAL B 140 -16.26 -8.57 -14.04
N VAL B 141 -15.78 -7.37 -13.71
CA VAL B 141 -16.71 -6.24 -13.57
C VAL B 141 -17.43 -6.05 -14.90
N LEU B 142 -16.66 -6.10 -16.00
CA LEU B 142 -17.27 -5.72 -17.26
C LEU B 142 -18.25 -6.82 -17.64
N GLN B 143 -17.90 -8.06 -17.29
CA GLN B 143 -18.80 -9.14 -17.67
C GLN B 143 -20.11 -8.97 -16.92
N LYS B 144 -20.00 -8.59 -15.64
CA LYS B 144 -21.21 -8.47 -14.83
C LYS B 144 -22.07 -7.33 -15.37
N ILE B 145 -21.42 -6.32 -15.96
CA ILE B 145 -22.18 -5.19 -16.49
C ILE B 145 -22.91 -5.67 -17.73
N LYS B 146 -22.23 -6.46 -18.57
CA LYS B 146 -22.80 -6.85 -19.85
C LYS B 146 -24.02 -7.72 -19.60
N GLU B 147 -23.90 -8.59 -18.60
CA GLU B 147 -24.88 -9.63 -18.34
C GLU B 147 -26.02 -9.23 -17.41
N ALA B 148 -25.98 -8.01 -16.87
CA ALA B 148 -27.03 -7.57 -15.96
C ALA B 148 -28.38 -7.65 -16.66
N PRO B 149 -29.46 -7.91 -15.88
CA PRO B 149 -30.83 -8.01 -16.39
C PRO B 149 -31.09 -6.95 -17.45
N GLU B 150 -31.62 -7.39 -18.59
CA GLU B 150 -31.80 -6.51 -19.76
C GLU B 150 -32.63 -5.25 -19.52
N ASP B 151 -33.49 -5.28 -18.51
N ASP B 151 -33.50 -5.28 -18.52
CA ASP B 151 -34.38 -4.15 -18.26
CA ASP B 151 -34.38 -4.13 -18.26
C ASP B 151 -33.75 -3.11 -17.32
C ASP B 151 -33.75 -3.09 -17.34
N ALA B 152 -32.52 -3.35 -16.87
CA ALA B 152 -31.88 -2.50 -15.87
C ALA B 152 -30.86 -1.51 -16.45
N ILE B 153 -30.75 -0.34 -15.84
CA ILE B 153 -29.63 0.55 -16.10
C ILE B 153 -28.54 0.06 -15.16
N VAL B 154 -27.30 -0.03 -15.63
CA VAL B 154 -26.19 -0.44 -14.77
C VAL B 154 -25.26 0.73 -14.53
N ILE B 155 -24.91 0.96 -13.27
CA ILE B 155 -23.92 1.98 -12.96
C ILE B 155 -22.89 1.35 -12.03
N PHE B 156 -21.66 1.23 -12.53
CA PHE B 156 -20.56 0.86 -11.65
C PHE B 156 -19.82 2.15 -11.32
N ALA B 157 -19.48 2.36 -10.06
CA ALA B 157 -18.61 3.48 -9.72
C ALA B 157 -17.64 3.01 -8.67
N GLY B 158 -16.36 3.29 -8.89
CA GLY B 158 -15.43 2.93 -7.84
C GLY B 158 -14.00 3.28 -8.12
N ASP B 159 -13.12 2.85 -7.20
CA ASP B 159 -11.70 3.10 -7.36
C ASP B 159 -11.11 1.95 -8.15
N THR B 160 -10.89 2.17 -9.44
CA THR B 160 -10.46 1.09 -10.33
C THR B 160 -8.95 0.90 -10.32
N ASN B 161 -8.22 1.89 -9.81
CA ASN B 161 -6.75 1.87 -9.86
C ASN B 161 -6.17 1.68 -11.26
N LEU B 162 -6.99 1.94 -12.28
CA LEU B 162 -6.59 1.74 -13.66
C LEU B 162 -5.63 2.82 -14.14
N ARG B 163 -4.64 2.39 -14.91
CA ARG B 163 -3.75 3.37 -15.49
C ARG B 163 -3.66 3.21 -16.99
N ASP B 164 -2.77 3.99 -17.57
CA ASP B 164 -2.66 4.14 -19.01
C ASP B 164 -2.58 2.81 -19.77
N ALA B 165 -3.55 2.65 -20.67
CA ALA B 165 -3.62 1.53 -21.60
C ALA B 165 -4.10 0.20 -21.02
N GLU B 166 -4.37 0.13 -19.71
CA GLU B 166 -4.89 -1.11 -19.14
C GLU B 166 -6.28 -1.45 -19.69
N VAL B 167 -7.12 -0.45 -19.92
CA VAL B 167 -8.42 -0.72 -20.52
C VAL B 167 -8.25 -1.04 -22.02
N ALA B 168 -7.44 -0.25 -22.70
CA ALA B 168 -7.15 -0.49 -24.12
C ALA B 168 -6.62 -1.90 -24.32
N ASN B 169 -5.83 -2.38 -23.36
CA ASN B 169 -5.23 -3.70 -23.46
C ASN B 169 -6.19 -4.89 -23.31
N VAL B 170 -7.42 -4.64 -22.87
CA VAL B 170 -8.45 -5.69 -22.88
C VAL B 170 -9.43 -5.48 -24.03
N GLY B 171 -9.08 -4.57 -24.93
CA GLY B 171 -9.91 -4.33 -26.10
C GLY B 171 -10.91 -3.22 -25.89
N GLY B 172 -10.71 -2.44 -24.83
CA GLY B 172 -11.59 -1.32 -24.54
C GLY B 172 -12.86 -1.77 -23.87
N LEU B 173 -13.74 -0.82 -23.56
CA LEU B 173 -15.04 -1.16 -22.98
C LEU B 173 -15.89 -1.87 -24.02
N PRO B 174 -16.73 -2.82 -23.59
CA PRO B 174 -17.60 -3.52 -24.54
C PRO B 174 -18.72 -2.63 -25.08
N ALA B 175 -19.31 -3.04 -26.20
CA ALA B 175 -20.44 -2.32 -26.80
C ALA B 175 -21.54 -2.09 -25.77
N GLY B 176 -22.06 -0.86 -25.73
CA GLY B 176 -23.14 -0.54 -24.80
C GLY B 176 -22.70 -0.08 -23.42
N VAL B 177 -21.40 -0.08 -23.13
CA VAL B 177 -20.90 0.41 -21.85
C VAL B 177 -20.00 1.60 -22.09
N CYS B 178 -20.23 2.69 -21.37
CA CYS B 178 -19.35 3.85 -21.54
C CYS B 178 -18.72 4.22 -20.21
N ASP B 179 -17.60 4.93 -20.30
CA ASP B 179 -16.98 5.58 -19.17
C ASP B 179 -17.56 6.99 -19.15
N VAL B 180 -18.21 7.36 -18.06
CA VAL B 180 -18.93 8.62 -17.94
C VAL B 180 -18.05 9.84 -18.18
N TRP B 181 -16.83 9.81 -17.66
CA TRP B 181 -15.93 10.94 -17.89
C TRP B 181 -15.63 11.07 -19.38
N GLU B 182 -15.44 9.95 -20.04
CA GLU B 182 -15.25 9.99 -21.50
C GLU B 182 -16.50 10.52 -22.20
N GLN B 183 -17.67 10.04 -21.81
CA GLN B 183 -18.91 10.39 -22.50
C GLN B 183 -19.20 11.88 -22.37
N LEU B 184 -18.81 12.45 -21.23
CA LEU B 184 -19.04 13.88 -20.99
C LEU B 184 -18.00 14.80 -21.64
N GLY B 185 -17.08 14.22 -22.41
CA GLY B 185 -16.18 15.02 -23.25
C GLY B 185 -14.70 14.96 -22.91
N LYS B 186 -14.30 14.02 -22.05
CA LYS B 186 -12.89 13.86 -21.66
C LYS B 186 -12.31 15.20 -21.18
N GLN B 187 -13.02 15.84 -20.27
CA GLN B 187 -12.62 17.20 -19.84
C GLN B 187 -11.45 17.17 -18.85
N GLU B 188 -10.39 17.90 -19.17
CA GLU B 188 -9.20 17.95 -18.32
C GLU B 188 -9.50 18.43 -16.91
N HIS B 189 -10.46 19.35 -16.81
N HIS B 189 -10.45 19.36 -16.78
CA HIS B 189 -10.80 19.98 -15.53
CA HIS B 189 -10.69 19.96 -15.46
C HIS B 189 -11.22 18.98 -14.47
C HIS B 189 -11.25 18.99 -14.43
N CYS B 190 -11.88 17.91 -14.90
CA CYS B 190 -12.36 16.90 -13.97
C CYS B 190 -11.83 15.49 -14.27
N ARG B 191 -10.59 15.42 -14.73
CA ARG B 191 -10.00 14.15 -15.15
C ARG B 191 -9.32 13.37 -14.00
N TYR B 192 -8.37 13.99 -13.32
CA TYR B 192 -7.59 13.24 -12.33
C TYR B 192 -8.22 13.23 -10.95
N THR B 193 -8.44 12.04 -10.42
CA THR B 193 -9.09 11.91 -9.12
C THR B 193 -8.08 11.60 -8.03
N TRP B 194 -6.85 11.26 -8.43
CA TRP B 194 -5.78 11.07 -7.47
C TRP B 194 -4.61 11.91 -7.97
N ASP B 195 -4.26 12.95 -7.20
CA ASP B 195 -3.29 13.94 -7.67
C ASP B 195 -2.42 14.33 -6.48
N THR B 196 -1.19 13.82 -6.43
CA THR B 196 -0.38 14.00 -5.22
C THR B 196 0.34 15.33 -5.16
N LYS B 197 0.28 16.08 -6.25
CA LYS B 197 0.77 17.45 -6.27
C LYS B 197 -0.29 18.34 -5.64
N ALA B 198 -1.54 18.12 -6.00
CA ALA B 198 -2.64 18.95 -5.51
C ALA B 198 -3.10 18.57 -4.12
N ASN B 199 -3.01 17.28 -3.79
CA ASN B 199 -3.56 16.79 -2.54
C ASN B 199 -2.40 16.46 -1.60
N SER B 200 -2.36 17.10 -0.45
CA SER B 200 -1.21 17.00 0.44
C SER B 200 -1.39 15.99 1.58
N ASN B 201 -2.41 15.15 1.51
CA ASN B 201 -2.65 14.23 2.63
C ASN B 201 -1.55 13.20 2.88
N LYS B 202 -0.92 12.72 1.82
CA LYS B 202 0.25 11.83 1.97
C LYS B 202 1.50 12.54 1.45
N THR B 203 2.61 12.38 2.15
CA THR B 203 3.91 12.81 1.63
C THR B 203 4.44 11.72 0.71
N VAL B 204 4.86 12.10 -0.48
CA VAL B 204 5.25 11.12 -1.49
C VAL B 204 6.53 11.61 -2.20
N PRO B 205 7.46 10.69 -2.48
CA PRO B 205 8.74 11.13 -3.07
C PRO B 205 8.59 11.62 -4.50
N TYR B 206 7.57 11.14 -5.20
CA TYR B 206 7.31 11.53 -6.59
C TYR B 206 5.84 11.80 -6.78
N VAL B 207 5.50 12.92 -7.40
CA VAL B 207 4.08 13.22 -7.63
C VAL B 207 3.54 12.56 -8.88
N SER B 208 2.26 12.21 -8.82
CA SER B 208 1.58 11.62 -9.97
C SER B 208 0.16 12.11 -10.00
N ARG B 209 -0.47 11.94 -11.17
CA ARG B 209 -1.87 12.26 -11.38
C ARG B 209 -2.46 11.09 -12.14
N CYS B 210 -3.51 10.50 -11.59
CA CYS B 210 -4.12 9.34 -12.22
C CYS B 210 -5.63 9.47 -12.16
N ARG B 211 -6.29 8.87 -13.13
CA ARG B 211 -7.75 8.80 -13.10
C ARG B 211 -8.13 7.41 -12.59
N PHE B 212 -8.01 7.21 -11.28
CA PHE B 212 -8.30 5.91 -10.69
C PHE B 212 -9.79 5.70 -10.52
N ASP B 213 -10.51 6.77 -10.21
CA ASP B 213 -11.92 6.64 -9.88
C ASP B 213 -12.72 6.83 -11.14
N ARG B 214 -13.53 5.83 -11.46
CA ARG B 214 -14.26 5.81 -12.74
C ARG B 214 -15.69 5.33 -12.57
N ILE B 215 -16.55 5.79 -13.48
CA ILE B 215 -17.95 5.38 -13.53
C ILE B 215 -18.23 4.76 -14.90
N PHE B 216 -18.78 3.55 -14.89
CA PHE B 216 -19.18 2.90 -16.13
C PHE B 216 -20.69 2.79 -16.14
N LEU B 217 -21.28 3.10 -17.29
CA LEU B 217 -22.71 3.13 -17.43
C LEU B 217 -23.15 2.21 -18.56
N ARG B 218 -24.18 1.39 -18.30
CA ARG B 218 -24.88 0.68 -19.38
C ARG B 218 -26.37 1.00 -19.30
N SER B 219 -26.99 1.39 -20.40
CA SER B 219 -28.44 1.62 -20.33
C SER B 219 -29.21 0.30 -20.33
N ALA B 220 -30.51 0.36 -20.08
CA ALA B 220 -31.34 -0.83 -20.26
C ALA B 220 -31.29 -1.24 -21.72
N LYS B 221 -31.26 -2.54 -21.99
CA LYS B 221 -31.24 -3.03 -23.37
C LYS B 221 -32.64 -2.91 -23.99
N THR B 222 -33.63 -2.77 -23.13
CA THR B 222 -35.03 -2.83 -23.56
C THR B 222 -35.72 -1.47 -23.54
N ALA B 223 -34.95 -0.40 -23.34
CA ALA B 223 -35.52 0.94 -23.21
C ALA B 223 -34.61 1.97 -23.85
N PRO B 224 -35.10 3.23 -24.03
CA PRO B 224 -34.20 4.23 -24.61
C PRO B 224 -33.00 4.47 -23.71
N PRO B 225 -31.85 4.75 -24.32
CA PRO B 225 -30.64 4.93 -23.48
C PRO B 225 -30.69 6.21 -22.67
N VAL B 226 -29.98 6.23 -21.55
CA VAL B 226 -29.89 7.44 -20.75
C VAL B 226 -28.50 8.02 -20.87
N THR B 227 -28.41 9.34 -20.77
CA THR B 227 -27.09 9.96 -20.82
C THR B 227 -26.72 10.47 -19.44
N PRO B 228 -25.41 10.48 -19.13
CA PRO B 228 -24.94 11.30 -18.02
C PRO B 228 -25.30 12.75 -18.29
N ASP B 229 -25.44 13.55 -17.22
CA ASP B 229 -25.79 14.96 -17.31
C ASP B 229 -24.55 15.83 -17.02
N HIS B 230 -23.99 15.68 -15.83
CA HIS B 230 -22.87 16.53 -15.42
C HIS B 230 -22.03 15.78 -14.39
N MET B 231 -20.72 16.03 -14.38
CA MET B 231 -19.85 15.51 -13.30
C MET B 231 -18.91 16.58 -12.78
N ALA B 232 -18.50 16.45 -11.52
CA ALA B 232 -17.61 17.41 -10.90
C ALA B 232 -16.77 16.64 -9.92
N LEU B 233 -15.54 17.09 -9.69
CA LEU B 233 -14.73 16.52 -8.63
C LEU B 233 -15.02 17.32 -7.37
N ILE B 234 -15.13 16.63 -6.23
CA ILE B 234 -15.46 17.30 -4.99
C ILE B 234 -14.47 16.92 -3.91
N GLY B 235 -14.50 17.64 -2.79
CA GLY B 235 -13.59 17.38 -1.68
C GLY B 235 -12.28 18.12 -1.79
N MET B 236 -12.23 19.13 -2.66
N MET B 236 -12.24 19.13 -2.65
CA MET B 236 -11.02 19.92 -2.87
CA MET B 236 -11.00 19.86 -2.93
C MET B 236 -10.90 21.09 -1.89
C MET B 236 -10.81 21.07 -2.03
N GLU B 237 -11.59 20.99 -0.75
N GLU B 237 -11.42 21.06 -0.85
CA GLU B 237 -11.46 21.98 0.32
CA GLU B 237 -11.16 22.09 0.16
C GLU B 237 -10.80 21.31 1.51
C GLU B 237 -10.89 21.44 1.50
N LYS B 238 -9.99 22.04 2.26
CA LYS B 238 -9.47 21.46 3.48
C LYS B 238 -10.50 21.58 4.61
N LEU B 239 -10.42 20.66 5.56
CA LEU B 239 -11.31 20.66 6.71
C LEU B 239 -10.68 21.48 7.83
N ASP B 240 -11.42 21.67 8.93
CA ASP B 240 -10.89 22.44 10.06
C ASP B 240 -9.56 21.89 10.58
N CYS B 241 -9.35 20.59 10.43
CA CYS B 241 -8.12 19.95 10.90
C CYS B 241 -6.92 20.23 10.00
N GLY B 242 -7.13 20.94 8.89
CA GLY B 242 -6.04 21.28 8.00
C GLY B 242 -5.66 20.19 7.02
N ARG B 243 -6.55 19.22 6.83
CA ARG B 243 -6.29 18.16 5.87
C ARG B 243 -7.51 17.98 5.00
N TYR B 244 -7.35 17.26 3.90
CA TYR B 244 -8.49 16.97 3.04
C TYR B 244 -9.25 15.76 3.57
N THR B 245 -10.49 15.61 3.15
CA THR B 245 -11.30 14.46 3.53
C THR B 245 -10.59 13.14 3.17
N SER B 246 -9.92 13.12 2.03
CA SER B 246 -9.25 11.92 1.55
C SER B 246 -8.05 12.28 0.66
N ASP B 247 -7.17 11.32 0.37
CA ASP B 247 -6.12 11.56 -0.61
C ASP B 247 -6.66 11.47 -2.04
N HIS B 248 -7.90 11.00 -2.17
CA HIS B 248 -8.61 11.08 -3.46
C HIS B 248 -9.60 12.24 -3.45
N TRP B 249 -9.87 12.79 -4.64
CA TRP B 249 -11.07 13.62 -4.82
C TRP B 249 -12.26 12.71 -5.02
N GLY B 250 -13.46 13.16 -4.64
CA GLY B 250 -14.66 12.38 -4.89
C GLY B 250 -15.21 12.78 -6.25
N ILE B 251 -16.10 11.95 -6.80
CA ILE B 251 -16.84 12.32 -8.01
C ILE B 251 -18.30 12.51 -7.65
N TYR B 252 -18.85 13.65 -8.05
CA TYR B 252 -20.30 13.87 -8.00
C TYR B 252 -20.81 13.82 -9.43
N CYS B 253 -21.85 13.02 -9.70
CA CYS B 253 -22.32 12.90 -11.08
C CYS B 253 -23.83 12.76 -11.14
N THR B 254 -24.47 13.39 -12.13
CA THR B 254 -25.91 13.23 -12.32
C THR B 254 -26.21 12.55 -13.65
N PHE B 255 -27.38 11.90 -13.74
CA PHE B 255 -27.82 11.21 -14.96
C PHE B 255 -29.23 11.62 -15.33
N ASN B 256 -29.48 11.67 -16.64
CA ASN B 256 -30.78 12.09 -17.16
C ASN B 256 -31.79 10.96 -17.17
N THR B 257 -32.08 10.46 -15.98
CA THR B 257 -33.02 9.37 -15.79
C THR B 257 -34.46 9.86 -15.70
NA NA D . 28.33 7.63 -0.28
C1 GOL E . 5.96 -2.17 -3.40
O1 GOL E . 4.62 -1.76 -3.65
C2 GOL E . 6.80 -1.92 -4.65
O2 GOL E . 6.36 -0.71 -5.24
C3 GOL E . 8.25 -1.75 -4.22
O3 GOL E . 9.13 -2.19 -5.23
MG MG F . -5.47 4.31 -0.77
NA NA G . -27.72 16.96 -19.12
C1 GOL H . -6.89 5.62 -19.35
O1 GOL H . -6.28 4.78 -18.40
C2 GOL H . -6.53 7.07 -19.03
O2 GOL H . -5.64 7.53 -20.02
C3 GOL H . -7.79 7.93 -18.99
O3 GOL H . -7.52 9.12 -18.25
C1 GOL I . -24.15 -9.38 1.18
O1 GOL I . -24.76 -10.55 0.67
C2 GOL I . -24.47 -8.20 0.27
O2 GOL I . -25.71 -8.48 -0.31
C3 GOL I . -24.58 -6.92 1.08
O3 GOL I . -23.37 -6.68 1.75
MG MG J . 14.14 -17.13 4.02
#